data_5MMZ
#
_entry.id   5MMZ
#
_cell.length_a   52.730
_cell.length_b   128.478
_cell.length_c   153.909
_cell.angle_alpha   90.00
_cell.angle_beta   90.00
_cell.angle_gamma   90.00
#
_symmetry.space_group_name_H-M   'I 2 2 2'
#
loop_
_entity.id
_entity.type
_entity.pdbx_description
1 polymer 'Metal transporter CNNM2'
2 polymer 'Protein tyrosine phosphatase type IVA 1'
3 water water
#
loop_
_entity_poly.entity_id
_entity_poly.type
_entity_poly.pdbx_seq_one_letter_code
_entity_poly.pdbx_strand_id
1 'polypeptide(L)'
;MEELNIIQGALELRTKTVEDVMTPLRDCFMITGEAILDFNTMSEIMESGYTRIPVFEGERSNIVDLLFVKDLAFVDPDDC
TPLKTITKFYNHPLHFVFNDTKLDAMLEEFKKGKSHLAIVQRVNNEGEGDPFYEVLGIVTLEDVIEEIIKSEILDE
;
A
2 'polypeptide(L)'
;MARMNRPAPVEVTYKNMRFLITHNPTNATLNKFIEELKKYGVTTIVRVCEATYDTTLVEKEGIHVLDWPFDDGAPPSNQI
VDDWLSLVKIKFREEPGCCIAVHCVAGLGRAPVLVALALIEGGMKYEDAVQFIRQKRRGAFNSKQLLYLEKYRPKMRLRF
KDSNGHRNNCCIQ
;
B
#
# COMPACT_ATOMS: atom_id res chain seq x y z
N MET A 1 27.59 -21.61 -26.62
CA MET A 1 26.15 -21.79 -26.45
C MET A 1 25.67 -21.14 -25.16
N GLU A 2 26.31 -21.49 -24.05
CA GLU A 2 25.95 -20.93 -22.74
C GLU A 2 26.15 -19.41 -22.71
N GLU A 3 27.31 -18.97 -23.22
CA GLU A 3 27.64 -17.55 -23.28
C GLU A 3 26.62 -16.78 -24.10
N LEU A 4 26.24 -17.33 -25.24
CA LEU A 4 25.25 -16.71 -26.11
C LEU A 4 23.88 -16.63 -25.45
N ASN A 5 23.50 -17.67 -24.72
CA ASN A 5 22.25 -17.67 -23.97
C ASN A 5 22.24 -16.61 -22.89
N ILE A 6 23.35 -16.48 -22.16
CA ILE A 6 23.48 -15.47 -21.13
C ILE A 6 23.38 -14.06 -21.71
N ILE A 7 24.09 -13.84 -22.82
CA ILE A 7 24.08 -12.55 -23.50
C ILE A 7 22.68 -12.18 -23.99
N GLN A 8 21.99 -13.15 -24.59
CA GLN A 8 20.63 -12.95 -25.06
C GLN A 8 19.69 -12.62 -23.90
N GLY A 9 19.79 -13.37 -22.81
CA GLY A 9 18.96 -13.11 -21.64
C GLY A 9 19.21 -11.73 -21.08
N ALA A 10 20.48 -11.35 -21.06
CA ALA A 10 20.88 -10.01 -20.64
C ALA A 10 20.18 -8.95 -21.48
N LEU A 11 20.16 -9.16 -22.79
CA LEU A 11 19.47 -8.22 -23.67
C LEU A 11 17.94 -8.27 -23.49
N GLU A 12 17.44 -9.39 -22.97
CA GLU A 12 16.00 -9.56 -22.79
C GLU A 12 15.51 -9.03 -21.44
N LEU A 13 16.44 -8.72 -20.55
CA LEU A 13 16.09 -8.14 -19.26
C LEU A 13 15.32 -6.82 -19.41
N ARG A 14 15.51 -6.14 -20.53
CA ARG A 14 14.88 -4.84 -20.76
C ARG A 14 13.42 -4.97 -21.19
N THR A 15 13.13 -5.95 -22.04
CA THR A 15 11.78 -6.16 -22.55
C THR A 15 10.87 -6.96 -21.60
N LYS A 16 11.44 -7.93 -20.90
CA LYS A 16 10.65 -8.82 -20.05
C LYS A 16 10.20 -8.13 -18.77
N THR A 17 9.10 -8.61 -18.19
CA THR A 17 8.58 -8.05 -16.95
C THR A 17 8.66 -9.05 -15.81
N VAL A 18 8.31 -8.61 -14.61
CA VAL A 18 8.35 -9.46 -13.44
C VAL A 18 7.17 -10.43 -13.46
N GLU A 19 6.12 -10.04 -14.18
CA GLU A 19 4.95 -10.88 -14.32
C GLU A 19 5.25 -12.12 -15.15
N ASP A 20 6.17 -11.97 -16.10
CA ASP A 20 6.56 -13.09 -16.96
C ASP A 20 7.26 -14.19 -16.17
N VAL A 21 8.18 -13.80 -15.29
CA VAL A 21 9.01 -14.77 -14.57
C VAL A 21 8.54 -15.10 -13.15
N MET A 22 7.47 -14.47 -12.69
CA MET A 22 7.02 -14.66 -11.31
C MET A 22 6.41 -16.03 -11.06
N THR A 23 6.37 -16.43 -9.79
CA THR A 23 5.59 -17.57 -9.37
C THR A 23 4.19 -17.08 -9.01
N PRO A 24 3.17 -17.57 -9.73
CA PRO A 24 1.78 -17.18 -9.45
C PRO A 24 1.40 -17.46 -8.01
N LEU A 25 0.49 -16.65 -7.48
CA LEU A 25 0.16 -16.67 -6.06
C LEU A 25 -0.20 -18.07 -5.55
N ARG A 26 -1.08 -18.74 -6.28
CA ARG A 26 -1.56 -20.06 -5.88
C ARG A 26 -0.46 -21.13 -5.81
N ASP A 27 0.65 -20.91 -6.52
CA ASP A 27 1.76 -21.86 -6.55
C ASP A 27 2.90 -21.48 -5.59
N CYS A 28 2.74 -20.36 -4.89
CA CYS A 28 3.76 -19.93 -3.93
C CYS A 28 3.68 -20.73 -2.64
N PHE A 29 4.84 -21.04 -2.07
CA PHE A 29 4.87 -21.70 -0.77
C PHE A 29 4.71 -20.66 0.33
N MET A 30 3.67 -20.81 1.14
CA MET A 30 3.33 -19.82 2.16
C MET A 30 2.94 -20.47 3.49
N ILE A 31 2.84 -19.64 4.53
CA ILE A 31 2.44 -20.11 5.84
C ILE A 31 1.53 -19.09 6.52
N THR A 32 0.51 -19.58 7.23
CA THR A 32 -0.44 -18.68 7.86
C THR A 32 0.17 -18.06 9.12
N GLY A 33 -0.25 -16.83 9.43
CA GLY A 33 0.26 -16.13 10.59
C GLY A 33 -0.26 -16.71 11.88
N GLU A 34 -1.24 -17.60 11.75
CA GLU A 34 -1.85 -18.25 12.91
C GLU A 34 -1.07 -19.50 13.29
N ALA A 35 0.00 -19.78 12.56
CA ALA A 35 0.84 -20.93 12.83
C ALA A 35 1.48 -20.85 14.21
N ILE A 36 1.46 -21.98 14.92
CA ILE A 36 2.16 -22.11 16.20
C ILE A 36 3.43 -22.89 15.94
N LEU A 37 4.57 -22.41 16.43
CA LEU A 37 5.79 -23.11 16.13
C LEU A 37 6.02 -24.13 17.22
N ASP A 38 5.78 -25.38 16.85
CA ASP A 38 6.00 -26.52 17.73
C ASP A 38 6.99 -27.38 17.00
N PHE A 39 7.32 -28.54 17.55
CA PHE A 39 8.32 -29.40 16.95
C PHE A 39 7.96 -29.75 15.50
N ASN A 40 6.70 -30.09 15.28
CA ASN A 40 6.22 -30.48 13.96
C ASN A 40 6.23 -29.35 12.94
N THR A 41 5.70 -28.19 13.31
CA THR A 41 5.64 -27.05 12.40
C THR A 41 7.04 -26.57 12.02
N MET A 42 7.91 -26.48 13.02
CA MET A 42 9.27 -26.04 12.78
C MET A 42 10.03 -27.05 11.93
N SER A 43 9.81 -28.33 12.20
CA SER A 43 10.41 -29.40 11.40
C SER A 43 9.96 -29.34 9.94
N GLU A 44 8.66 -29.09 9.72
CA GLU A 44 8.12 -28.98 8.39
C GLU A 44 8.73 -27.79 7.65
N ILE A 45 8.76 -26.65 8.33
CA ILE A 45 9.39 -25.44 7.80
C ILE A 45 10.84 -25.72 7.38
N MET A 46 11.61 -26.34 8.26
CA MET A 46 12.99 -26.69 7.96
C MET A 46 13.12 -27.64 6.77
N GLU A 47 12.31 -28.69 6.75
CA GLU A 47 12.36 -29.70 5.70
C GLU A 47 11.89 -29.16 4.36
N SER A 48 11.19 -28.03 4.37
CA SER A 48 10.70 -27.43 3.12
C SER A 48 11.84 -26.99 2.22
N GLY A 49 12.97 -26.61 2.83
CA GLY A 49 14.13 -26.17 2.07
C GLY A 49 14.05 -24.72 1.62
N TYR A 50 13.12 -23.97 2.22
CA TYR A 50 12.99 -22.55 1.91
C TYR A 50 13.67 -21.71 2.97
N THR A 51 14.48 -20.73 2.54
CA THR A 51 15.16 -19.84 3.46
C THR A 51 14.24 -18.73 3.97
N ARG A 52 13.33 -18.30 3.11
CA ARG A 52 12.38 -17.27 3.46
C ARG A 52 10.99 -17.62 2.96
N ILE A 53 10.00 -17.52 3.84
CA ILE A 53 8.65 -17.92 3.52
C ILE A 53 7.71 -16.75 3.75
N PRO A 54 6.78 -16.52 2.83
CA PRO A 54 5.82 -15.44 3.04
C PRO A 54 4.75 -15.80 4.07
N VAL A 55 4.38 -14.83 4.88
CA VAL A 55 3.36 -15.01 5.90
C VAL A 55 2.12 -14.21 5.59
N PHE A 56 1.01 -14.94 5.44
CA PHE A 56 -0.28 -14.36 5.12
C PHE A 56 -1.24 -14.54 6.29
N GLU A 57 -2.23 -13.66 6.37
CA GLU A 57 -3.30 -13.81 7.35
C GLU A 57 -4.64 -13.61 6.64
N GLY A 58 -5.60 -14.48 6.92
CA GLY A 58 -6.81 -14.53 6.13
C GLY A 58 -6.50 -15.05 4.73
N GLU A 59 -6.84 -14.26 3.72
CA GLU A 59 -6.57 -14.63 2.33
C GLU A 59 -5.06 -14.76 2.06
N ARG A 60 -4.70 -15.71 1.19
CA ARG A 60 -3.31 -15.90 0.78
C ARG A 60 -2.77 -14.64 0.11
N SER A 61 -3.67 -13.88 -0.51
CA SER A 61 -3.32 -12.64 -1.18
C SER A 61 -2.94 -11.56 -0.18
N ASN A 62 -3.28 -11.77 1.08
CA ASN A 62 -2.96 -10.78 2.09
C ASN A 62 -1.70 -11.23 2.79
N ILE A 63 -0.58 -10.63 2.42
CA ILE A 63 0.73 -11.09 2.88
C ILE A 63 1.29 -10.07 3.85
N VAL A 64 1.28 -10.44 5.13
CA VAL A 64 1.65 -9.48 6.15
C VAL A 64 3.11 -9.53 6.55
N ASP A 65 3.84 -10.57 6.16
CA ASP A 65 5.25 -10.63 6.58
C ASP A 65 6.18 -11.60 5.83
N LEU A 66 7.45 -11.60 6.23
CA LEU A 66 8.45 -12.54 5.74
C LEU A 66 9.13 -13.26 6.89
N LEU A 67 8.98 -14.57 6.93
CA LEU A 67 9.66 -15.40 7.92
C LEU A 67 10.96 -15.94 7.35
N PHE A 68 12.09 -15.51 7.91
CA PHE A 68 13.36 -16.12 7.56
C PHE A 68 13.56 -17.32 8.47
N VAL A 69 14.00 -18.45 7.93
CA VAL A 69 14.13 -19.67 8.72
C VAL A 69 15.16 -19.47 9.83
N LYS A 70 16.16 -18.65 9.57
CA LYS A 70 17.17 -18.32 10.58
C LYS A 70 16.55 -17.61 11.79
N ASP A 71 15.38 -17.02 11.61
CA ASP A 71 14.66 -16.38 12.71
C ASP A 71 14.22 -17.40 13.75
N LEU A 72 14.23 -18.68 13.38
CA LEU A 72 13.75 -19.74 14.26
C LEU A 72 14.85 -20.24 15.19
N ALA A 73 16.02 -19.62 15.09
CA ALA A 73 17.25 -20.12 15.70
C ALA A 73 17.08 -20.59 17.15
N PHE A 74 16.80 -19.66 18.05
CA PHE A 74 16.73 -20.00 19.46
C PHE A 74 15.31 -20.23 20.01
N VAL A 75 14.32 -20.23 19.11
CA VAL A 75 12.96 -20.61 19.47
C VAL A 75 12.91 -22.04 20.03
N ASP A 76 12.18 -22.21 21.14
CA ASP A 76 11.99 -23.52 21.77
C ASP A 76 10.62 -24.09 21.39
N PRO A 77 10.61 -25.28 20.77
CA PRO A 77 9.36 -25.92 20.33
C PRO A 77 8.35 -26.16 21.46
N ASP A 78 8.85 -26.38 22.67
CA ASP A 78 7.99 -26.65 23.81
C ASP A 78 7.15 -25.44 24.21
N ASP A 79 7.66 -24.25 23.89
CA ASP A 79 6.97 -23.01 24.24
C ASP A 79 5.75 -22.79 23.35
N CYS A 80 5.74 -23.44 22.18
CA CYS A 80 4.68 -23.30 21.20
C CYS A 80 4.43 -21.83 20.86
N THR A 81 5.51 -21.12 20.57
CA THR A 81 5.45 -19.70 20.26
C THR A 81 4.70 -19.45 18.96
N PRO A 82 3.65 -18.63 19.01
CA PRO A 82 2.94 -18.20 17.80
C PRO A 82 3.89 -17.54 16.80
N LEU A 83 3.70 -17.83 15.51
CA LEU A 83 4.51 -17.24 14.45
C LEU A 83 4.36 -15.72 14.45
N LYS A 84 3.15 -15.27 14.76
CA LYS A 84 2.82 -13.86 14.90
C LYS A 84 3.82 -13.14 15.78
N THR A 85 4.16 -13.78 16.90
CA THR A 85 5.11 -13.23 17.86
C THR A 85 6.52 -13.14 17.28
N ILE A 86 6.98 -14.23 16.68
CA ILE A 86 8.35 -14.31 16.17
C ILE A 86 8.61 -13.34 15.02
N THR A 87 7.61 -13.13 14.17
CA THR A 87 7.78 -12.19 13.06
C THR A 87 8.03 -10.76 13.55
N LYS A 88 7.58 -10.46 14.77
CA LYS A 88 7.79 -9.13 15.36
C LYS A 88 9.25 -8.89 15.75
N PHE A 89 9.95 -9.98 16.07
CA PHE A 89 11.29 -9.88 16.63
C PHE A 89 12.32 -9.45 15.61
N TYR A 90 12.00 -9.65 14.34
CA TYR A 90 12.96 -9.39 13.27
C TYR A 90 12.34 -8.49 12.21
N ASN A 91 13.15 -7.60 11.66
CA ASN A 91 12.67 -6.73 10.61
C ASN A 91 13.14 -7.23 9.25
N HIS A 92 12.21 -7.81 8.50
CA HIS A 92 12.48 -8.17 7.12
C HIS A 92 11.54 -7.38 6.23
N PRO A 93 12.09 -6.40 5.49
CA PRO A 93 11.32 -5.50 4.64
C PRO A 93 10.54 -6.26 3.58
N LEU A 94 9.25 -5.93 3.46
CA LEU A 94 8.40 -6.57 2.48
C LEU A 94 8.19 -5.65 1.29
N HIS A 95 8.79 -6.00 0.17
CA HIS A 95 8.76 -5.15 -1.01
C HIS A 95 7.62 -5.50 -1.94
N PHE A 96 7.02 -4.48 -2.56
CA PHE A 96 6.00 -4.67 -3.58
C PHE A 96 6.43 -3.99 -4.87
N VAL A 97 6.15 -4.64 -6.00
CA VAL A 97 6.45 -4.12 -7.32
C VAL A 97 5.27 -4.35 -8.26
N PHE A 98 5.10 -3.45 -9.22
CA PHE A 98 4.02 -3.59 -10.19
C PHE A 98 4.36 -4.55 -11.33
N ASN A 99 3.33 -5.21 -11.86
CA ASN A 99 3.47 -6.30 -12.82
C ASN A 99 4.18 -5.95 -14.13
N ASP A 100 4.17 -4.67 -14.50
CA ASP A 100 4.78 -4.25 -15.75
C ASP A 100 6.23 -3.79 -15.56
N THR A 101 6.74 -3.91 -14.35
CA THR A 101 8.14 -3.59 -14.07
C THR A 101 9.09 -4.48 -14.86
N LYS A 102 10.06 -3.88 -15.52
CA LYS A 102 11.03 -4.63 -16.30
C LYS A 102 12.02 -5.36 -15.39
N LEU A 103 12.62 -6.42 -15.93
CA LEU A 103 13.50 -7.28 -15.14
C LEU A 103 14.81 -6.62 -14.74
N ASP A 104 15.29 -5.67 -15.53
CA ASP A 104 16.55 -5.01 -15.23
C ASP A 104 16.40 -4.05 -14.05
N ALA A 105 15.26 -3.35 -14.01
CA ALA A 105 14.92 -2.50 -12.89
C ALA A 105 14.81 -3.32 -11.61
N MET A 106 14.13 -4.47 -11.73
CA MET A 106 13.97 -5.40 -10.63
C MET A 106 15.31 -5.92 -10.13
N LEU A 107 16.20 -6.24 -11.07
CA LEU A 107 17.53 -6.73 -10.73
C LEU A 107 18.31 -5.65 -9.99
N GLU A 108 18.15 -4.42 -10.43
CA GLU A 108 18.80 -3.27 -9.79
C GLU A 108 18.32 -3.14 -8.34
N GLU A 109 17.00 -3.21 -8.15
CA GLU A 109 16.43 -3.10 -6.81
C GLU A 109 16.88 -4.25 -5.91
N PHE A 110 16.96 -5.45 -6.47
CA PHE A 110 17.44 -6.61 -5.72
C PHE A 110 18.89 -6.41 -5.33
N LYS A 111 19.67 -5.80 -6.22
CA LYS A 111 21.09 -5.60 -5.99
C LYS A 111 21.37 -4.57 -4.89
N LYS A 112 20.63 -3.46 -4.89
CA LYS A 112 20.86 -2.44 -3.88
C LYS A 112 20.47 -2.90 -2.47
N GLY A 113 19.31 -3.56 -2.36
CA GLY A 113 18.79 -3.94 -1.07
C GLY A 113 19.31 -5.28 -0.56
N LYS A 114 18.86 -5.67 0.62
CA LYS A 114 19.17 -6.99 1.16
C LYS A 114 18.02 -7.95 0.85
N SER A 115 16.99 -7.42 0.21
CA SER A 115 15.80 -8.21 -0.12
C SER A 115 15.95 -8.91 -1.46
N HIS A 116 15.81 -10.24 -1.45
CA HIS A 116 15.87 -11.03 -2.66
C HIS A 116 14.47 -11.35 -3.20
N LEU A 117 13.46 -10.77 -2.57
CA LEU A 117 12.07 -11.14 -2.84
C LEU A 117 11.14 -9.93 -2.96
N ALA A 118 10.16 -10.03 -3.86
CA ALA A 118 9.19 -8.95 -4.05
C ALA A 118 7.82 -9.49 -4.43
N ILE A 119 6.78 -8.86 -3.91
CA ILE A 119 5.40 -9.21 -4.22
C ILE A 119 4.94 -8.49 -5.49
N VAL A 120 4.45 -9.25 -6.45
CA VAL A 120 3.98 -8.67 -7.70
C VAL A 120 2.51 -8.26 -7.57
N GLN A 121 2.21 -7.04 -7.98
CA GLN A 121 0.83 -6.58 -7.94
C GLN A 121 0.46 -5.80 -9.19
N ARG A 122 -0.84 -5.77 -9.49
CA ARG A 122 -1.32 -4.98 -10.61
C ARG A 122 -2.37 -3.97 -10.16
N VAL A 123 -2.56 -2.92 -10.95
CA VAL A 123 -3.67 -2.02 -10.72
C VAL A 123 -4.92 -2.66 -11.31
N ASN A 124 -5.96 -2.81 -10.49
CA ASN A 124 -7.21 -3.37 -10.95
C ASN A 124 -8.23 -2.25 -11.17
N ASN A 125 -8.51 -1.96 -12.44
CA ASN A 125 -9.37 -0.84 -12.80
C ASN A 125 -10.81 -1.21 -13.10
N GLU A 126 -11.14 -2.49 -12.98
CA GLU A 126 -12.51 -2.94 -13.22
C GLU A 126 -13.46 -2.30 -12.21
N GLY A 127 -14.50 -1.64 -12.71
CA GLY A 127 -15.41 -0.90 -11.85
C GLY A 127 -16.40 -1.81 -11.14
N GLU A 128 -17.42 -1.21 -10.55
CA GLU A 128 -17.56 0.25 -10.53
C GLU A 128 -16.94 0.83 -9.29
N GLY A 129 -16.35 -0.03 -8.46
CA GLY A 129 -15.75 0.39 -7.22
C GLY A 129 -14.41 1.08 -7.40
N ASP A 130 -13.79 1.47 -6.29
CA ASP A 130 -12.48 2.10 -6.30
C ASP A 130 -11.42 1.13 -6.80
N PRO A 131 -10.47 1.63 -7.61
CA PRO A 131 -9.37 0.79 -8.08
C PRO A 131 -8.56 0.26 -6.91
N PHE A 132 -7.98 -0.93 -7.05
CA PHE A 132 -7.19 -1.48 -5.96
C PHE A 132 -6.02 -2.31 -6.47
N TYR A 133 -5.02 -2.49 -5.61
CA TYR A 133 -3.84 -3.28 -5.93
C TYR A 133 -4.13 -4.77 -5.73
N GLU A 134 -3.99 -5.53 -6.82
CA GLU A 134 -4.25 -6.97 -6.77
C GLU A 134 -2.94 -7.74 -6.77
N VAL A 135 -2.76 -8.63 -5.79
CA VAL A 135 -1.53 -9.41 -5.70
C VAL A 135 -1.56 -10.58 -6.68
N LEU A 136 -0.64 -10.55 -7.64
CA LEU A 136 -0.53 -11.60 -8.64
C LEU A 136 0.32 -12.79 -8.20
N GLY A 137 1.41 -12.52 -7.49
CA GLY A 137 2.36 -13.57 -7.15
C GLY A 137 3.63 -13.04 -6.53
N ILE A 138 4.71 -13.82 -6.63
CA ILE A 138 5.98 -13.44 -6.02
C ILE A 138 7.14 -13.63 -7.01
N VAL A 139 8.04 -12.66 -7.06
CA VAL A 139 9.22 -12.77 -7.89
C VAL A 139 10.46 -12.69 -7.01
N THR A 140 11.47 -13.50 -7.33
CA THR A 140 12.69 -13.56 -6.54
C THR A 140 13.92 -13.28 -7.41
N LEU A 141 15.03 -12.97 -6.75
CA LEU A 141 16.30 -12.78 -7.44
C LEU A 141 16.63 -14.02 -8.26
N GLU A 142 16.36 -15.19 -7.68
CA GLU A 142 16.57 -16.47 -8.33
C GLU A 142 15.83 -16.57 -9.66
N ASP A 143 14.61 -16.03 -9.72
CA ASP A 143 13.82 -16.06 -10.94
C ASP A 143 14.49 -15.26 -12.05
N VAL A 144 14.97 -14.08 -11.72
CA VAL A 144 15.66 -13.22 -12.67
C VAL A 144 16.94 -13.87 -13.17
N ILE A 145 17.74 -14.39 -12.22
CA ILE A 145 18.99 -15.06 -12.57
C ILE A 145 18.73 -16.24 -13.50
N GLU A 146 17.70 -17.02 -13.19
CA GLU A 146 17.33 -18.17 -14.01
C GLU A 146 16.85 -17.72 -15.38
N GLU A 147 16.25 -16.53 -15.44
CA GLU A 147 15.88 -15.96 -16.73
C GLU A 147 17.13 -15.59 -17.53
N ILE A 148 18.19 -15.18 -16.84
CA ILE A 148 19.43 -14.80 -17.52
C ILE A 148 20.26 -15.99 -18.01
N ILE A 149 20.50 -16.96 -17.13
CA ILE A 149 21.38 -18.08 -17.47
C ILE A 149 20.64 -19.22 -18.16
N LYS A 150 19.34 -19.02 -18.38
CA LYS A 150 18.50 -19.98 -19.08
C LYS A 150 18.48 -21.35 -18.41
N ALA B 8 1.37 2.77 4.19
CA ALA B 8 2.01 3.64 3.21
C ALA B 8 1.28 4.99 3.10
N PRO B 9 1.58 5.91 4.04
CA PRO B 9 0.97 7.25 4.05
C PRO B 9 1.53 8.14 2.94
N VAL B 10 0.68 8.97 2.35
CA VAL B 10 1.07 9.80 1.21
C VAL B 10 0.81 11.27 1.49
N GLU B 11 1.84 12.11 1.37
CA GLU B 11 1.66 13.53 1.63
C GLU B 11 1.51 14.35 0.35
N VAL B 12 0.55 15.28 0.36
CA VAL B 12 0.33 16.18 -0.77
C VAL B 12 0.35 17.65 -0.33
N THR B 13 1.21 18.45 -0.95
CA THR B 13 1.40 19.87 -0.58
C THR B 13 1.15 20.79 -1.77
N TYR B 14 0.24 21.75 -1.61
CA TYR B 14 0.06 22.78 -2.64
C TYR B 14 -0.35 24.10 -2.00
N LYS B 15 0.25 25.20 -2.43
CA LYS B 15 0.00 26.51 -1.82
C LYS B 15 0.20 26.44 -0.29
N ASN B 16 -0.85 26.75 0.47
CA ASN B 16 -0.80 26.66 1.94
C ASN B 16 -1.40 25.34 2.47
N MET B 17 -1.87 24.50 1.55
CA MET B 17 -2.58 23.27 1.87
C MET B 17 -1.66 22.06 1.97
N ARG B 18 -1.93 21.23 2.97
CA ARG B 18 -1.23 19.97 3.19
C ARG B 18 -2.23 18.84 3.50
N PHE B 19 -2.22 17.78 2.68
CA PHE B 19 -3.07 16.60 2.92
C PHE B 19 -2.27 15.31 3.13
N LEU B 20 -2.82 14.39 3.92
CA LEU B 20 -2.22 13.08 4.09
C LEU B 20 -3.22 11.98 3.80
N ILE B 21 -2.99 11.23 2.72
CA ILE B 21 -3.84 10.10 2.37
C ILE B 21 -3.23 8.86 3.00
N THR B 22 -3.91 8.29 4.00
CA THR B 22 -3.32 7.20 4.74
C THR B 22 -4.14 5.93 4.64
N HIS B 23 -3.64 4.88 5.29
CA HIS B 23 -4.30 3.59 5.33
C HIS B 23 -5.33 3.58 6.46
N ASN B 24 -5.99 2.44 6.63
CA ASN B 24 -6.93 2.28 7.74
C ASN B 24 -6.32 1.43 8.85
N PRO B 25 -6.09 2.04 10.01
CA PRO B 25 -5.47 1.33 11.13
C PRO B 25 -6.46 0.45 11.88
N THR B 26 -5.96 -0.27 12.89
CA THR B 26 -6.82 -1.04 13.77
C THR B 26 -6.68 -0.47 15.18
N ASN B 27 -7.44 -1.01 16.12
CA ASN B 27 -7.38 -0.53 17.50
C ASN B 27 -6.04 -0.85 18.15
N ALA B 28 -5.40 -1.91 17.68
CA ALA B 28 -4.10 -2.32 18.22
C ALA B 28 -2.97 -1.45 17.67
N THR B 29 -3.15 -0.93 16.46
CA THR B 29 -2.12 -0.13 15.80
C THR B 29 -2.31 1.37 15.99
N LEU B 30 -3.31 1.75 16.80
CA LEU B 30 -3.70 3.15 16.96
C LEU B 30 -2.55 4.09 17.38
N ASN B 31 -1.70 3.63 18.28
CA ASN B 31 -0.63 4.48 18.80
C ASN B 31 0.38 4.91 17.73
N LYS B 32 0.85 3.96 16.95
CA LYS B 32 1.77 4.24 15.85
C LYS B 32 1.10 5.13 14.81
N PHE B 33 -0.19 4.88 14.57
CA PHE B 33 -1.00 5.67 13.66
C PHE B 33 -1.00 7.14 14.08
N ILE B 34 -1.30 7.37 15.35
CA ILE B 34 -1.31 8.70 15.93
C ILE B 34 0.09 9.31 15.85
N GLU B 35 1.12 8.47 15.97
CA GLU B 35 2.50 8.94 15.82
C GLU B 35 2.73 9.49 14.42
N GLU B 36 2.23 8.78 13.41
CA GLU B 36 2.34 9.26 12.03
C GLU B 36 1.58 10.56 11.83
N LEU B 37 0.35 10.63 12.33
CA LEU B 37 -0.46 11.84 12.20
C LEU B 37 0.26 13.03 12.82
N LYS B 38 0.72 12.87 14.06
CA LYS B 38 1.45 13.91 14.76
C LYS B 38 2.72 14.30 14.02
N LYS B 39 3.32 13.31 13.36
CA LYS B 39 4.53 13.55 12.58
C LYS B 39 4.24 14.48 11.39
N TYR B 40 3.15 14.22 10.68
CA TYR B 40 2.78 15.07 9.54
C TYR B 40 1.95 16.27 9.96
N GLY B 41 1.71 16.39 11.26
CA GLY B 41 0.96 17.51 11.81
C GLY B 41 -0.52 17.47 11.46
N VAL B 42 -1.12 16.30 11.61
CA VAL B 42 -2.52 16.12 11.23
C VAL B 42 -3.45 16.61 12.33
N THR B 43 -4.24 17.62 11.99
CA THR B 43 -5.27 18.16 12.89
C THR B 43 -6.57 17.35 12.83
N THR B 44 -6.97 16.99 11.61
CA THR B 44 -8.30 16.43 11.38
C THR B 44 -8.26 15.20 10.47
N ILE B 45 -9.10 14.23 10.77
CA ILE B 45 -9.23 13.04 9.92
C ILE B 45 -10.63 12.95 9.33
N VAL B 46 -10.69 12.66 8.03
CA VAL B 46 -11.97 12.41 7.37
C VAL B 46 -12.01 10.97 6.87
N ARG B 47 -12.92 10.18 7.44
CA ARG B 47 -13.11 8.80 7.01
C ARG B 47 -14.23 8.70 5.99
N VAL B 48 -13.86 8.36 4.76
CA VAL B 48 -14.78 8.34 3.64
C VAL B 48 -15.38 6.96 3.40
N CYS B 49 -15.10 6.05 4.32
CA CYS B 49 -15.61 4.69 4.25
C CYS B 49 -16.07 4.31 5.64
N GLU B 50 -16.39 3.03 5.83
CA GLU B 50 -16.86 2.53 7.12
C GLU B 50 -15.87 2.86 8.24
N ALA B 51 -16.39 3.12 9.44
CA ALA B 51 -15.54 3.44 10.57
C ALA B 51 -15.23 2.17 11.34
N THR B 52 -13.98 1.72 11.24
CA THR B 52 -13.58 0.44 11.85
C THR B 52 -12.84 0.55 13.19
N TYR B 53 -12.56 1.76 13.65
CA TYR B 53 -11.77 1.90 14.87
C TYR B 53 -12.24 3.03 15.78
N ASP B 54 -12.10 2.83 17.08
CA ASP B 54 -12.50 3.81 18.08
C ASP B 54 -11.66 5.08 17.99
N THR B 55 -12.34 6.22 18.01
CA THR B 55 -11.68 7.51 17.82
C THR B 55 -11.23 8.18 19.11
N THR B 56 -11.61 7.59 20.24
CA THR B 56 -11.38 8.21 21.56
C THR B 56 -9.92 8.57 21.81
N LEU B 57 -9.02 7.62 21.64
CA LEU B 57 -7.59 7.85 21.83
C LEU B 57 -7.09 8.90 20.85
N VAL B 58 -7.68 8.93 19.66
CA VAL B 58 -7.33 9.90 18.64
C VAL B 58 -7.81 11.29 19.03
N GLU B 59 -8.98 11.34 19.66
CA GLU B 59 -9.53 12.61 20.14
C GLU B 59 -8.70 13.17 21.30
N LYS B 60 -8.29 12.27 22.20
CA LYS B 60 -7.51 12.67 23.36
C LYS B 60 -6.15 13.21 22.96
N GLU B 61 -5.70 12.83 21.77
CA GLU B 61 -4.40 13.29 21.26
C GLU B 61 -4.54 14.60 20.50
N GLY B 62 -5.77 15.12 20.44
CA GLY B 62 -6.03 16.43 19.85
C GLY B 62 -6.38 16.40 18.38
N ILE B 63 -6.70 15.21 17.89
CA ILE B 63 -7.04 14.98 16.48
C ILE B 63 -8.50 14.61 16.34
N HIS B 64 -9.28 15.47 15.70
CA HIS B 64 -10.71 15.24 15.52
C HIS B 64 -10.99 14.39 14.29
N VAL B 65 -11.92 13.45 14.41
CA VAL B 65 -12.23 12.54 13.32
C VAL B 65 -13.64 12.73 12.78
N LEU B 66 -13.74 13.08 11.51
CA LEU B 66 -15.02 13.25 10.85
C LEU B 66 -15.36 12.02 10.03
N ASP B 67 -16.60 11.56 10.14
CA ASP B 67 -17.03 10.41 9.34
C ASP B 67 -18.00 10.87 8.25
N TRP B 68 -17.50 10.87 7.01
CA TRP B 68 -18.27 11.32 5.85
C TRP B 68 -18.21 10.29 4.74
N PRO B 69 -18.86 9.14 4.94
CA PRO B 69 -18.80 8.10 3.90
C PRO B 69 -19.59 8.46 2.66
N PHE B 70 -19.09 8.07 1.49
CA PHE B 70 -19.91 8.04 0.30
C PHE B 70 -19.61 6.77 -0.49
N ASP B 71 -20.32 6.59 -1.59
CA ASP B 71 -20.36 5.29 -2.27
C ASP B 71 -19.02 4.86 -2.86
N ASP B 72 -18.73 3.57 -2.72
CA ASP B 72 -17.53 2.97 -3.29
C ASP B 72 -17.52 3.14 -4.81
N GLY B 73 -16.42 3.70 -5.32
CA GLY B 73 -16.27 3.93 -6.75
C GLY B 73 -17.05 5.11 -7.28
N ALA B 74 -17.64 5.90 -6.38
CA ALA B 74 -18.49 7.00 -6.78
C ALA B 74 -17.93 8.36 -6.37
N PRO B 75 -18.32 9.43 -7.10
CA PRO B 75 -17.98 10.79 -6.69
C PRO B 75 -18.68 11.17 -5.38
N PRO B 76 -18.18 12.20 -4.69
CA PRO B 76 -18.89 12.68 -3.50
C PRO B 76 -20.12 13.50 -3.89
N SER B 77 -21.14 13.51 -3.04
CA SER B 77 -22.34 14.31 -3.29
C SER B 77 -22.03 15.78 -3.08
N ASN B 78 -22.89 16.65 -3.63
CA ASN B 78 -22.70 18.09 -3.53
C ASN B 78 -22.53 18.58 -2.10
N GLN B 79 -23.35 18.04 -1.19
CA GLN B 79 -23.27 18.39 0.22
C GLN B 79 -21.89 18.04 0.81
N ILE B 80 -21.41 16.84 0.49
CA ILE B 80 -20.09 16.40 0.94
C ILE B 80 -19.00 17.33 0.42
N VAL B 81 -19.13 17.73 -0.84
CA VAL B 81 -18.17 18.63 -1.46
C VAL B 81 -18.12 19.98 -0.74
N ASP B 82 -19.31 20.55 -0.50
CA ASP B 82 -19.41 21.83 0.19
C ASP B 82 -18.83 21.76 1.60
N ASP B 83 -19.21 20.73 2.34
CA ASP B 83 -18.70 20.51 3.69
C ASP B 83 -17.18 20.35 3.70
N TRP B 84 -16.67 19.70 2.66
CA TRP B 84 -15.24 19.41 2.54
C TRP B 84 -14.44 20.67 2.25
N LEU B 85 -14.94 21.49 1.34
CA LEU B 85 -14.28 22.74 0.99
C LEU B 85 -14.30 23.72 2.17
N SER B 86 -15.45 23.82 2.82
CA SER B 86 -15.58 24.65 4.01
C SER B 86 -14.62 24.18 5.09
N LEU B 87 -14.56 22.86 5.28
CA LEU B 87 -13.65 22.25 6.26
C LEU B 87 -12.19 22.60 5.98
N VAL B 88 -11.78 22.42 4.73
CA VAL B 88 -10.42 22.77 4.31
C VAL B 88 -10.12 24.23 4.66
N LYS B 89 -11.02 25.11 4.26
CA LYS B 89 -10.84 26.55 4.51
C LYS B 89 -10.66 26.86 6.00
N ILE B 90 -11.63 26.44 6.82
CA ILE B 90 -11.59 26.75 8.25
C ILE B 90 -10.37 26.13 8.93
N LYS B 91 -10.11 24.86 8.66
CA LYS B 91 -9.00 24.17 9.31
C LYS B 91 -7.64 24.78 8.95
N PHE B 92 -7.46 25.15 7.69
CA PHE B 92 -6.18 25.72 7.28
C PHE B 92 -6.03 27.19 7.70
N ARG B 93 -7.15 27.88 7.90
CA ARG B 93 -7.08 29.24 8.41
C ARG B 93 -6.87 29.26 9.92
N GLU B 94 -7.40 28.24 10.59
CA GLU B 94 -7.34 28.13 12.05
C GLU B 94 -5.92 27.80 12.52
N GLU B 95 -5.32 26.79 11.90
CA GLU B 95 -3.95 26.41 12.21
C GLU B 95 -3.17 26.16 10.93
N PRO B 96 -2.60 27.24 10.36
CA PRO B 96 -1.84 27.16 9.11
C PRO B 96 -0.65 26.19 9.21
N GLY B 97 -0.32 25.54 8.11
CA GLY B 97 0.78 24.60 8.08
C GLY B 97 0.41 23.20 8.55
N CYS B 98 -0.79 23.08 9.12
CA CYS B 98 -1.24 21.78 9.62
C CYS B 98 -1.64 20.89 8.46
N CYS B 99 -2.06 19.66 8.77
CA CYS B 99 -2.37 18.69 7.75
C CYS B 99 -3.73 18.04 7.95
N ILE B 100 -4.43 17.80 6.85
CA ILE B 100 -5.71 17.12 6.88
C ILE B 100 -5.55 15.68 6.40
N ALA B 101 -6.00 14.73 7.22
CA ALA B 101 -5.90 13.32 6.88
C ALA B 101 -7.21 12.80 6.28
N VAL B 102 -7.11 12.18 5.10
CA VAL B 102 -8.26 11.53 4.49
C VAL B 102 -7.92 10.08 4.21
N HIS B 103 -8.73 9.15 4.72
CA HIS B 103 -8.46 7.74 4.45
C HIS B 103 -9.70 6.90 4.25
N CYS B 104 -9.51 5.82 3.50
CA CYS B 104 -10.54 4.84 3.26
C CYS B 104 -10.08 3.49 3.77
N VAL B 105 -10.96 2.50 3.71
CA VAL B 105 -10.53 1.12 3.87
C VAL B 105 -9.99 0.59 2.54
N ALA B 106 -10.70 0.87 1.46
CA ALA B 106 -10.43 0.27 0.15
C ALA B 106 -9.20 0.86 -0.50
N GLY B 107 -9.26 2.15 -0.79
CA GLY B 107 -8.13 2.87 -1.32
C GLY B 107 -8.19 3.19 -2.80
N LEU B 108 -7.52 4.31 -3.11
CA LEU B 108 -7.24 4.79 -4.48
C LEU B 108 -8.41 5.46 -5.18
N GLY B 109 -9.64 5.20 -4.77
CA GLY B 109 -10.72 6.00 -5.34
C GLY B 109 -11.20 7.30 -4.69
N ARG B 110 -11.67 7.19 -3.45
CA ARG B 110 -12.48 8.24 -2.84
C ARG B 110 -11.69 9.39 -2.18
N ALA B 111 -10.75 9.01 -1.32
CA ALA B 111 -9.88 9.96 -0.65
C ALA B 111 -9.09 10.79 -1.67
N PRO B 112 -8.47 10.13 -2.67
CA PRO B 112 -7.79 10.96 -3.66
C PRO B 112 -8.75 11.88 -4.41
N VAL B 113 -10.02 11.49 -4.53
CA VAL B 113 -11.02 12.33 -5.19
C VAL B 113 -11.22 13.61 -4.39
N LEU B 114 -11.34 13.46 -3.07
CA LEU B 114 -11.44 14.62 -2.19
C LEU B 114 -10.22 15.54 -2.32
N VAL B 115 -9.04 14.96 -2.15
CA VAL B 115 -7.81 15.74 -2.23
C VAL B 115 -7.72 16.47 -3.57
N ALA B 116 -8.03 15.76 -4.63
CA ALA B 116 -8.02 16.32 -5.98
C ALA B 116 -8.95 17.52 -6.09
N LEU B 117 -10.18 17.37 -5.57
CA LEU B 117 -11.13 18.47 -5.56
C LEU B 117 -10.53 19.70 -4.87
N ALA B 118 -9.90 19.46 -3.73
CA ALA B 118 -9.23 20.54 -3.00
C ALA B 118 -8.17 21.22 -3.86
N LEU B 119 -7.38 20.42 -4.58
CA LEU B 119 -6.33 20.97 -5.44
C LEU B 119 -6.90 21.80 -6.58
N ILE B 120 -7.94 21.28 -7.23
CA ILE B 120 -8.60 21.96 -8.33
C ILE B 120 -9.21 23.28 -7.89
N GLU B 121 -9.76 23.31 -6.68
CA GLU B 121 -10.28 24.55 -6.13
C GLU B 121 -9.13 25.48 -5.74
N GLY B 122 -7.96 24.89 -5.51
CA GLY B 122 -6.76 25.66 -5.21
C GLY B 122 -6.17 26.30 -6.46
N GLY B 123 -6.77 26.00 -7.61
CA GLY B 123 -6.35 26.60 -8.87
C GLY B 123 -5.61 25.65 -9.78
N MET B 124 -5.17 24.51 -9.23
CA MET B 124 -4.46 23.52 -10.02
C MET B 124 -5.37 22.93 -11.10
N LYS B 125 -4.82 22.80 -12.31
CA LYS B 125 -5.57 22.25 -13.43
C LYS B 125 -5.94 20.79 -13.19
N TYR B 126 -7.00 20.34 -13.87
CA TYR B 126 -7.53 18.99 -13.71
C TYR B 126 -6.48 17.91 -14.00
N GLU B 127 -5.91 17.96 -15.20
CA GLU B 127 -4.91 16.98 -15.61
C GLU B 127 -3.68 17.02 -14.71
N ASP B 128 -3.27 18.24 -14.35
CA ASP B 128 -2.14 18.43 -13.46
C ASP B 128 -2.43 17.83 -12.09
N ALA B 129 -3.67 17.95 -11.65
CA ALA B 129 -4.08 17.40 -10.36
C ALA B 129 -4.02 15.87 -10.37
N VAL B 130 -4.68 15.28 -11.37
CA VAL B 130 -4.70 13.82 -11.51
C VAL B 130 -3.29 13.25 -11.62
N GLN B 131 -2.44 13.93 -12.40
CA GLN B 131 -1.06 13.49 -12.58
C GLN B 131 -0.27 13.62 -11.27
N PHE B 132 -0.50 14.73 -10.57
CA PHE B 132 0.15 14.98 -9.28
C PHE B 132 -0.19 13.89 -8.28
N ILE B 133 -1.44 13.45 -8.28
CA ILE B 133 -1.86 12.38 -7.38
C ILE B 133 -1.28 11.02 -7.79
N ARG B 134 -1.40 10.70 -9.07
CA ARG B 134 -0.99 9.38 -9.55
C ARG B 134 0.52 9.19 -9.50
N GLN B 135 1.26 10.30 -9.50
CA GLN B 135 2.71 10.23 -9.34
C GLN B 135 3.05 9.63 -7.98
N LYS B 136 2.27 10.00 -6.97
CA LYS B 136 2.46 9.48 -5.62
C LYS B 136 1.83 8.10 -5.41
N ARG B 137 0.60 7.93 -5.89
CA ARG B 137 -0.05 6.62 -5.82
C ARG B 137 -0.58 6.22 -7.18
N ARG B 138 0.01 5.19 -7.75
CA ARG B 138 -0.34 4.72 -9.09
C ARG B 138 -1.68 4.00 -9.07
N GLY B 139 -2.55 4.33 -10.02
CA GLY B 139 -3.81 3.63 -10.18
C GLY B 139 -4.99 4.24 -9.46
N ALA B 140 -4.82 5.43 -8.91
CA ALA B 140 -5.93 6.13 -8.27
C ALA B 140 -6.98 6.50 -9.32
N PHE B 141 -8.19 6.82 -8.90
CA PHE B 141 -9.23 7.31 -9.83
C PHE B 141 -9.74 6.35 -10.90
N ASN B 142 -10.75 5.54 -10.58
CA ASN B 142 -11.38 4.73 -11.61
C ASN B 142 -12.08 5.62 -12.65
N SER B 143 -12.71 5.00 -13.63
CA SER B 143 -13.29 5.73 -14.76
C SER B 143 -14.29 6.82 -14.34
N LYS B 144 -15.30 6.44 -13.56
CA LYS B 144 -16.33 7.36 -13.11
C LYS B 144 -15.75 8.58 -12.42
N GLN B 145 -14.83 8.34 -11.50
CA GLN B 145 -14.21 9.41 -10.73
C GLN B 145 -13.36 10.32 -11.62
N LEU B 146 -12.71 9.72 -12.61
CA LEU B 146 -11.93 10.48 -13.59
C LEU B 146 -12.83 11.45 -14.34
N LEU B 147 -13.87 10.91 -14.97
CA LEU B 147 -14.84 11.73 -15.71
C LEU B 147 -15.50 12.76 -14.80
N TYR B 148 -15.64 12.44 -13.52
CA TYR B 148 -16.23 13.35 -12.56
C TYR B 148 -15.32 14.53 -12.29
N LEU B 149 -14.03 14.26 -12.13
CA LEU B 149 -13.06 15.33 -11.92
C LEU B 149 -12.93 16.16 -13.19
N GLU B 150 -13.20 15.54 -14.33
CA GLU B 150 -13.21 16.26 -15.60
C GLU B 150 -14.37 17.24 -15.69
N LYS B 151 -15.58 16.74 -15.44
CA LYS B 151 -16.78 17.54 -15.60
C LYS B 151 -16.93 18.60 -14.49
N TYR B 152 -16.22 18.41 -13.38
CA TYR B 152 -16.33 19.28 -12.22
C TYR B 152 -16.00 20.74 -12.55
N ARG B 153 -16.84 21.64 -12.05
CA ARG B 153 -16.64 23.08 -12.28
C ARG B 153 -16.15 23.77 -11.01
N PRO B 154 -14.88 24.16 -10.97
CA PRO B 154 -14.26 24.82 -9.82
C PRO B 154 -14.80 26.24 -9.59
N LYS B 155 -15.07 26.55 -8.33
CA LYS B 155 -15.60 27.85 -7.93
C LYS B 155 -14.49 28.78 -7.48
N MET B 156 -13.25 28.30 -7.57
CA MET B 156 -12.06 29.03 -7.16
C MET B 156 -12.08 29.34 -5.66
N ARG B 157 -12.76 28.50 -4.89
CA ARG B 157 -12.86 28.66 -3.45
C ARG B 157 -11.51 28.39 -2.78
#